data_4EX8
#
_entry.id   4EX8
#
_cell.length_a   167.897
_cell.length_b   167.897
_cell.length_c   167.897
_cell.angle_alpha   90.00
_cell.angle_beta   90.00
_cell.angle_gamma   90.00
#
_symmetry.space_group_name_H-M   'I 41 3 2'
#
loop_
_entity.id
_entity.type
_entity.pdbx_description
1 polymer AlnA
2 non-polymer 'CALCIUM ION'
3 non-polymer 'SULFATE ION'
4 non-polymer 'CHLORIDE ION'
5 non-polymer DI(HYDROXYETHYL)ETHER
6 water water
#
_entity_poly.entity_id   1
_entity_poly.type   'polypeptide(L)'
_entity_poly.pdbx_seq_one_letter_code
;MAHHHHHHHRSERQPDQLLEVSDEIATALAERRPVVALESSLITTDPSSETASLIEKAVRGAGAVPATIGIAGGKLVVGL
TDSLIERFASTKGIPKISARDIGGALAGGGLGATTVAGTIVIAERAGIQVFTTAGIGGVHRRGEDTLDISPDLLQFRKTK
MTVVSGGAKSILDHRLTAEYLETAGVPVYGYRTDKLAAFVVREADVPVTRMDDLHTAARAAEAHWQVNGPGTVLLTSPID
EQDAVDEAIVEAAIAEALAQCDQEGIVGNAVSPYLMKALARASGGMLPKAGRSLLLSTARVAGEFSAALSAVQAER
;
_entity_poly.pdbx_strand_id   A
#
loop_
_chem_comp.id
_chem_comp.type
_chem_comp.name
_chem_comp.formula
CA non-polymer 'CALCIUM ION' 'Ca 2'
CL non-polymer 'CHLORIDE ION' 'Cl -1'
PEG non-polymer DI(HYDROXYETHYL)ETHER 'C4 H10 O3'
SO4 non-polymer 'SULFATE ION' 'O4 S -2'
#
# COMPACT_ATOMS: atom_id res chain seq x y z
N PRO A 15 -6.14 -9.56 27.62
CA PRO A 15 -5.98 -9.55 26.17
C PRO A 15 -6.83 -8.47 25.45
N ASP A 16 -6.89 -8.58 24.11
CA ASP A 16 -7.62 -7.66 23.21
C ASP A 16 -8.78 -8.44 22.67
N GLN A 17 -9.98 -7.89 22.71
CA GLN A 17 -11.16 -8.67 22.31
C GLN A 17 -11.59 -8.48 20.86
N LEU A 18 -10.96 -7.56 20.16
CA LEU A 18 -11.29 -7.29 18.80
C LEU A 18 -10.34 -8.02 17.81
N LEU A 19 -9.15 -8.39 18.29
CA LEU A 19 -8.06 -8.83 17.41
C LEU A 19 -7.92 -10.36 17.42
N GLU A 20 -7.84 -10.96 16.25
CA GLU A 20 -7.52 -12.41 16.16
C GLU A 20 -6.24 -12.54 15.35
N VAL A 21 -5.17 -12.95 16.01
CA VAL A 21 -3.79 -13.00 15.40
C VAL A 21 -3.38 -14.51 15.28
N SER A 22 -2.94 -14.96 14.09
CA SER A 22 -2.57 -16.40 13.92
C SER A 22 -1.34 -16.70 14.83
N ASP A 23 -1.15 -17.98 15.08
CA ASP A 23 -0.01 -18.49 15.91
C ASP A 23 1.35 -18.04 15.38
N GLU A 24 1.56 -18.22 14.08
CA GLU A 24 2.81 -17.79 13.50
C GLU A 24 3.12 -16.31 13.69
N ILE A 25 2.13 -15.43 13.48
CA ILE A 25 2.37 -14.01 13.59
C ILE A 25 2.53 -13.67 15.06
N ALA A 26 1.65 -14.21 15.92
CA ALA A 26 1.76 -13.92 17.38
C ALA A 26 3.16 -14.33 17.93
N THR A 27 3.69 -15.48 17.49
CA THR A 27 5.06 -15.93 17.87
C THR A 27 6.17 -14.98 17.31
N ALA A 28 6.07 -14.58 16.06
CA ALA A 28 7.06 -13.66 15.53
C ALA A 28 7.03 -12.34 16.31
N LEU A 29 5.85 -11.86 16.67
CA LEU A 29 5.76 -10.57 17.37
C LEU A 29 6.36 -10.73 18.79
N ALA A 30 6.02 -11.82 19.47
CA ALA A 30 6.50 -12.07 20.81
C ALA A 30 8.00 -12.14 20.79
N GLU A 31 8.56 -12.70 19.72
CA GLU A 31 9.97 -12.77 19.62
C GLU A 31 10.66 -11.56 18.98
N ARG A 32 9.91 -10.47 18.72
CA ARG A 32 10.45 -9.23 18.05
C ARG A 32 11.15 -9.62 16.70
N ARG A 33 10.58 -10.62 16.01
CA ARG A 33 11.01 -10.93 14.66
C ARG A 33 10.18 -10.13 13.57
N PRO A 34 10.75 -9.99 12.36
CA PRO A 34 10.17 -9.10 11.35
C PRO A 34 8.87 -9.67 10.79
N VAL A 35 7.86 -8.80 10.70
CA VAL A 35 6.55 -9.13 10.13
C VAL A 35 6.25 -8.02 9.11
N VAL A 36 5.57 -8.39 8.02
CA VAL A 36 5.08 -7.36 7.01
C VAL A 36 3.57 -7.57 6.77
N ALA A 37 2.77 -6.51 7.02
CA ALA A 37 1.33 -6.57 6.81
C ALA A 37 0.99 -6.38 5.33
N LEU A 38 -0.13 -6.99 4.91
CA LEU A 38 -0.60 -6.93 3.55
C LEU A 38 -2.07 -6.68 3.64
N GLU A 39 -2.61 -6.04 2.61
CA GLU A 39 -4.03 -5.60 2.66
C GLU A 39 -4.86 -6.66 2.01
N SER A 40 -6.15 -6.66 2.28
CA SER A 40 -6.95 -7.76 1.73
C SER A 40 -7.72 -7.19 0.58
N SER A 41 -7.91 -5.84 0.59
CA SER A 41 -8.87 -5.16 -0.34
C SER A 41 -8.52 -5.46 -1.79
N LEU A 42 -7.26 -5.83 -2.04
CA LEU A 42 -6.88 -6.22 -3.37
C LEU A 42 -6.76 -7.76 -3.55
N ILE A 43 -6.63 -8.55 -2.46
CA ILE A 43 -6.67 -10.09 -2.51
C ILE A 43 -7.89 -10.56 -3.28
N THR A 44 -8.86 -9.68 -3.32
CA THR A 44 -10.11 -9.82 -3.98
C THR A 44 -9.92 -9.63 -5.50
N THR A 45 -8.87 -8.90 -5.88
CA THR A 45 -8.66 -8.52 -7.27
C THR A 45 -7.89 -9.61 -8.02
N ASP A 46 -7.53 -10.68 -7.31
CA ASP A 46 -6.82 -11.80 -7.93
C ASP A 46 -7.28 -13.15 -7.40
N PRO A 47 -8.47 -13.59 -7.81
CA PRO A 47 -8.86 -14.91 -7.35
C PRO A 47 -8.10 -16.00 -8.13
N SER A 48 -7.01 -16.53 -7.56
CA SER A 48 -6.16 -17.51 -8.29
C SER A 48 -5.62 -18.75 -7.53
N SER A 49 -4.81 -18.60 -6.45
CA SER A 49 -4.31 -17.30 -5.92
C SER A 49 -2.99 -16.86 -6.57
N GLU A 50 -2.05 -17.81 -6.73
CA GLU A 50 -0.76 -17.60 -7.44
C GLU A 50 -0.01 -16.25 -7.14
N THR A 51 -0.75 -15.15 -7.09
CA THR A 51 -0.18 -13.87 -6.69
C THR A 51 0.15 -13.90 -5.20
N ALA A 52 -0.87 -13.94 -4.34
CA ALA A 52 -0.66 -14.12 -2.91
C ALA A 52 0.48 -15.15 -2.65
N SER A 53 0.57 -16.20 -3.43
CA SER A 53 1.70 -17.10 -3.23
C SER A 53 3.11 -16.55 -3.62
N LEU A 54 3.21 -15.82 -4.73
CA LEU A 54 4.48 -15.19 -5.06
C LEU A 54 4.80 -14.09 -4.01
N ILE A 55 3.77 -13.46 -3.47
CA ILE A 55 3.98 -12.34 -2.57
C ILE A 55 4.50 -12.89 -1.24
N GLU A 56 3.88 -13.96 -0.76
CA GLU A 56 4.33 -14.58 0.50
C GLU A 56 5.77 -14.99 0.37
N LYS A 57 6.11 -15.58 -0.78
CA LYS A 57 7.47 -15.99 -1.06
C LYS A 57 8.45 -14.83 -1.07
N ALA A 58 8.02 -13.70 -1.63
CA ALA A 58 8.91 -12.56 -1.71
C ALA A 58 9.15 -12.05 -0.27
N VAL A 59 8.09 -12.02 0.57
CA VAL A 59 8.24 -11.49 1.92
C VAL A 59 9.17 -12.48 2.78
N ARG A 60 8.86 -13.77 2.75
CA ARG A 60 9.65 -14.77 3.56
C ARG A 60 11.11 -14.91 3.15
N GLY A 61 11.42 -14.65 1.87
CA GLY A 61 12.81 -14.73 1.34
C GLY A 61 13.72 -13.88 2.16
N ALA A 62 13.17 -12.82 2.81
CA ALA A 62 13.96 -11.98 3.69
C ALA A 62 13.94 -12.45 5.15
N GLY A 63 13.20 -13.47 5.41
CA GLY A 63 13.05 -13.93 6.78
C GLY A 63 11.92 -13.21 7.51
N ALA A 64 11.15 -12.35 6.80
CA ALA A 64 9.92 -11.75 7.40
C ALA A 64 8.70 -12.68 7.31
N VAL A 65 7.77 -12.50 8.23
CA VAL A 65 6.48 -13.18 8.20
C VAL A 65 5.41 -12.27 7.54
N PRO A 66 4.78 -12.76 6.44
CA PRO A 66 3.63 -12.03 5.81
C PRO A 66 2.39 -12.11 6.68
N ALA A 67 1.68 -10.98 6.90
CA ALA A 67 0.45 -11.03 7.68
C ALA A 67 -0.66 -10.38 6.85
N THR A 68 -1.45 -11.18 6.18
CA THR A 68 -2.62 -10.65 5.46
C THR A 68 -3.78 -10.28 6.42
N ILE A 69 -4.38 -9.12 6.20
CA ILE A 69 -5.31 -8.59 7.22
C ILE A 69 -6.66 -8.35 6.61
N GLY A 70 -7.72 -8.55 7.40
CA GLY A 70 -9.07 -8.21 6.98
C GLY A 70 -10.03 -8.20 8.16
N ILE A 71 -11.33 -8.06 7.88
CA ILE A 71 -12.33 -8.08 8.95
C ILE A 71 -13.28 -9.21 8.70
N ALA A 72 -13.58 -9.97 9.74
CA ALA A 72 -14.56 -11.04 9.59
C ALA A 72 -15.18 -11.33 10.93
N GLY A 73 -16.49 -11.54 10.96
CA GLY A 73 -17.15 -12.12 12.17
C GLY A 73 -17.06 -11.22 13.41
N GLY A 74 -16.96 -9.88 13.22
CA GLY A 74 -16.81 -9.00 14.38
C GLY A 74 -15.35 -8.94 14.88
N LYS A 75 -14.41 -9.44 14.08
CA LYS A 75 -13.01 -9.44 14.52
C LYS A 75 -12.09 -8.75 13.51
N LEU A 76 -11.02 -8.12 14.00
CA LEU A 76 -9.91 -7.68 13.17
C LEU A 76 -8.99 -8.96 13.07
N VAL A 77 -8.89 -9.52 11.87
CA VAL A 77 -8.12 -10.76 11.62
C VAL A 77 -6.70 -10.43 11.03
N VAL A 78 -5.69 -10.86 11.77
CA VAL A 78 -4.27 -10.70 11.37
C VAL A 78 -3.71 -12.11 11.07
N GLY A 79 -3.57 -12.38 9.77
CA GLY A 79 -3.23 -13.70 9.24
C GLY A 79 -4.51 -14.41 8.84
N LEU A 80 -5.04 -14.15 7.66
CA LEU A 80 -6.25 -14.86 7.25
C LEU A 80 -6.02 -16.40 7.14
N THR A 81 -6.97 -17.18 7.68
CA THR A 81 -7.03 -18.68 7.49
C THR A 81 -7.34 -19.01 6.02
N ASP A 82 -7.13 -20.26 5.62
CA ASP A 82 -7.38 -20.68 4.23
C ASP A 82 -8.87 -20.55 3.94
N SER A 83 -9.67 -20.96 4.91
CA SER A 83 -11.11 -20.76 4.90
C SER A 83 -11.48 -19.29 4.58
N LEU A 84 -10.88 -18.34 5.32
CA LEU A 84 -11.10 -16.93 5.09
C LEU A 84 -10.60 -16.44 3.71
N ILE A 85 -9.40 -16.83 3.31
CA ILE A 85 -8.88 -16.38 2.01
C ILE A 85 -9.87 -16.86 0.93
N GLU A 86 -10.36 -18.09 1.08
CA GLU A 86 -11.37 -18.62 0.18
C GLU A 86 -12.62 -17.75 0.08
N ARG A 87 -13.19 -17.36 1.21
CA ARG A 87 -14.33 -16.43 1.20
C ARG A 87 -13.98 -15.13 0.48
N PHE A 88 -12.86 -14.49 0.85
CA PHE A 88 -12.45 -13.22 0.24
C PHE A 88 -12.21 -13.35 -1.27
N ALA A 89 -11.84 -14.55 -1.69
CA ALA A 89 -11.61 -14.87 -3.09
C ALA A 89 -12.94 -15.08 -3.81
N SER A 90 -13.90 -15.70 -3.14
CA SER A 90 -15.09 -16.18 -3.81
C SER A 90 -16.45 -15.53 -3.46
N THR A 91 -16.51 -14.58 -2.52
CA THR A 91 -17.81 -13.95 -2.16
C THR A 91 -18.01 -12.66 -2.95
N LYS A 92 -19.21 -12.45 -3.47
CA LYS A 92 -19.50 -11.32 -4.34
C LYS A 92 -19.53 -9.98 -3.60
N GLY A 93 -20.33 -9.88 -2.53
CA GLY A 93 -20.64 -8.56 -1.93
C GLY A 93 -19.61 -7.83 -1.05
N ILE A 94 -18.34 -8.22 -1.05
CA ILE A 94 -17.44 -7.73 0.01
C ILE A 94 -17.08 -6.22 0.00
N PRO A 95 -17.51 -5.51 1.03
CA PRO A 95 -17.19 -4.04 1.07
C PRO A 95 -15.67 -3.72 1.29
N LYS A 96 -15.19 -2.63 0.68
CA LYS A 96 -13.82 -2.18 0.90
C LYS A 96 -13.87 -1.27 2.16
N ILE A 97 -12.98 -1.49 3.11
CA ILE A 97 -13.08 -0.83 4.39
C ILE A 97 -11.85 0.04 4.65
N SER A 98 -12.06 1.33 4.64
CA SER A 98 -11.02 2.26 5.06
C SER A 98 -11.06 2.37 6.61
N ALA A 99 -10.14 3.14 7.26
CA ALA A 99 -10.17 3.23 8.74
C ALA A 99 -11.53 3.68 9.26
N ARG A 100 -12.14 4.67 8.58
CA ARG A 100 -13.43 5.20 9.10
C ARG A 100 -14.59 4.21 9.01
N ASP A 101 -14.39 3.10 8.25
CA ASP A 101 -15.46 2.10 8.07
C ASP A 101 -15.30 0.91 8.99
N ILE A 102 -14.17 0.85 9.72
CA ILE A 102 -13.88 -0.29 10.56
C ILE A 102 -14.99 -0.51 11.56
N GLY A 103 -15.45 0.57 12.23
CA GLY A 103 -16.43 0.40 13.25
C GLY A 103 -17.71 -0.26 12.73
N GLY A 104 -18.23 0.22 11.63
CA GLY A 104 -19.46 -0.35 11.10
C GLY A 104 -19.21 -1.78 10.60
N ALA A 105 -18.03 -2.04 10.05
CA ALA A 105 -17.73 -3.45 9.51
C ALA A 105 -17.72 -4.43 10.68
N LEU A 106 -17.08 -4.03 11.79
CA LEU A 106 -17.16 -4.88 13.01
C LEU A 106 -18.56 -5.07 13.50
N ALA A 107 -19.29 -3.99 13.71
CA ALA A 107 -20.74 -4.09 14.16
C ALA A 107 -21.59 -4.97 13.28
N GLY A 108 -21.34 -4.92 11.97
CA GLY A 108 -22.17 -5.70 11.02
C GLY A 108 -21.88 -7.18 11.08
N GLY A 109 -20.72 -7.56 11.57
CA GLY A 109 -20.36 -8.96 11.68
C GLY A 109 -20.05 -9.72 10.36
N GLY A 110 -20.10 -9.06 9.19
CA GLY A 110 -19.75 -9.72 7.90
C GLY A 110 -18.25 -9.58 7.54
N LEU A 111 -17.91 -9.75 6.28
CA LEU A 111 -16.53 -9.62 5.87
C LEU A 111 -16.25 -8.22 5.40
N GLY A 112 -15.02 -7.81 5.56
CA GLY A 112 -14.57 -6.49 5.10
C GLY A 112 -13.13 -6.62 4.60
N ALA A 113 -12.84 -6.11 3.39
CA ALA A 113 -11.50 -6.16 2.80
C ALA A 113 -10.89 -4.77 3.05
N THR A 114 -9.89 -4.68 3.94
CA THR A 114 -9.39 -3.37 4.38
C THR A 114 -8.43 -2.76 3.34
N THR A 115 -8.44 -1.45 3.23
CA THR A 115 -7.60 -0.70 2.26
C THR A 115 -6.29 -0.41 2.93
N VAL A 116 -5.52 0.51 2.35
CA VAL A 116 -4.22 0.89 2.97
C VAL A 116 -4.50 1.49 4.36
N ALA A 117 -5.35 2.52 4.41
CA ALA A 117 -5.65 3.21 5.69
C ALA A 117 -6.27 2.23 6.71
N GLY A 118 -7.24 1.45 6.27
CA GLY A 118 -7.84 0.45 7.17
C GLY A 118 -6.83 -0.59 7.68
N THR A 119 -6.00 -1.10 6.77
CA THR A 119 -5.07 -2.15 7.19
C THR A 119 -4.00 -1.69 8.13
N ILE A 120 -3.43 -0.50 7.91
CA ILE A 120 -2.32 -0.09 8.78
C ILE A 120 -2.73 0.22 10.20
N VAL A 121 -3.99 0.64 10.39
CA VAL A 121 -4.49 0.83 11.75
C VAL A 121 -4.58 -0.50 12.48
N ILE A 122 -5.07 -1.52 11.78
CA ILE A 122 -5.15 -2.87 12.43
C ILE A 122 -3.72 -3.44 12.64
N ALA A 123 -2.83 -3.27 11.66
CA ALA A 123 -1.43 -3.79 11.78
C ALA A 123 -0.77 -3.14 13.01
N GLU A 124 -0.91 -1.82 13.12
CA GLU A 124 -0.34 -1.11 14.27
C GLU A 124 -0.89 -1.63 15.58
N ARG A 125 -2.22 -1.84 15.63
CA ARG A 125 -2.83 -2.34 16.89
C ARG A 125 -2.21 -3.70 17.32
N ALA A 126 -1.85 -4.53 16.35
CA ALA A 126 -1.23 -5.83 16.66
C ALA A 126 0.30 -5.71 16.99
N GLY A 127 0.92 -4.56 16.74
CA GLY A 127 2.36 -4.43 16.96
C GLY A 127 3.17 -4.64 15.67
N ILE A 128 2.51 -4.78 14.51
CA ILE A 128 3.25 -4.85 13.26
C ILE A 128 3.71 -3.41 12.82
N GLN A 129 4.91 -3.28 12.27
CA GLN A 129 5.47 -1.96 11.99
C GLN A 129 5.78 -1.74 10.54
N VAL A 130 5.56 -2.76 9.69
CA VAL A 130 5.84 -2.56 8.25
C VAL A 130 4.65 -3.07 7.46
N PHE A 131 4.28 -2.36 6.38
CA PHE A 131 3.12 -2.72 5.58
C PHE A 131 3.59 -2.52 4.13
N THR A 132 3.13 -3.35 3.21
CA THR A 132 3.53 -3.10 1.81
C THR A 132 2.36 -3.18 0.84
N THR A 133 2.40 -2.43 -0.26
CA THR A 133 1.37 -2.61 -1.35
C THR A 133 1.98 -1.99 -2.58
N ALA A 134 1.47 -2.28 -3.77
CA ALA A 134 2.07 -1.70 -5.00
C ALA A 134 1.95 -0.19 -5.05
N GLY A 135 0.78 0.36 -4.66
CA GLY A 135 0.63 1.82 -4.70
C GLY A 135 -0.31 2.33 -3.62
N ILE A 136 -0.04 3.49 -3.05
CA ILE A 136 -0.99 4.04 -2.04
C ILE A 136 -2.04 4.94 -2.76
N GLY A 137 -3.10 5.35 -2.04
CA GLY A 137 -4.04 6.40 -2.53
C GLY A 137 -3.32 7.78 -2.44
N GLY A 138 -3.92 8.84 -2.94
CA GLY A 138 -3.31 10.18 -2.89
C GLY A 138 -4.32 11.19 -3.34
N VAL A 139 -3.82 12.32 -3.82
CA VAL A 139 -4.65 13.38 -4.34
C VAL A 139 -5.03 12.94 -5.76
N HIS A 140 -6.34 12.87 -6.07
CA HIS A 140 -6.78 12.49 -7.40
C HIS A 140 -6.50 13.61 -8.36
N ARG A 141 -6.45 13.30 -9.66
CA ARG A 141 -6.31 14.30 -10.65
C ARG A 141 -7.52 15.22 -10.61
N ARG A 142 -7.25 16.54 -10.72
CA ARG A 142 -8.22 17.68 -10.43
C ARG A 142 -8.64 17.78 -8.95
N GLY A 143 -7.89 17.09 -8.09
CA GLY A 143 -8.18 17.03 -6.66
C GLY A 143 -8.02 18.36 -5.94
N GLU A 144 -7.24 19.30 -6.53
CA GLU A 144 -7.12 20.69 -6.00
C GLU A 144 -8.46 21.42 -6.10
N ASP A 145 -9.29 20.99 -7.06
CA ASP A 145 -10.65 21.50 -7.23
C ASP A 145 -11.77 20.66 -6.65
N THR A 146 -11.64 19.32 -6.70
CA THR A 146 -12.75 18.45 -6.26
C THR A 146 -12.53 18.02 -4.79
N LEU A 147 -11.33 18.24 -4.28
CA LEU A 147 -10.94 17.79 -2.88
C LEU A 147 -11.05 16.30 -2.71
N ASP A 148 -11.09 15.57 -3.84
CA ASP A 148 -11.09 14.08 -3.78
C ASP A 148 -9.64 13.55 -3.48
N ILE A 149 -9.39 13.18 -2.24
CA ILE A 149 -8.03 12.88 -1.77
C ILE A 149 -8.22 11.66 -0.84
N SER A 150 -7.37 10.66 -1.00
CA SER A 150 -7.47 9.39 -0.26
C SER A 150 -7.25 9.67 1.25
N PRO A 151 -8.00 8.99 2.07
CA PRO A 151 -7.81 9.06 3.52
C PRO A 151 -6.43 8.54 3.96
N ASP A 152 -5.77 7.71 3.12
CA ASP A 152 -4.42 7.23 3.48
C ASP A 152 -3.49 8.39 3.92
N LEU A 153 -3.56 9.53 3.20
CA LEU A 153 -2.52 10.60 3.46
C LEU A 153 -2.57 11.16 4.89
N LEU A 154 -3.78 11.43 5.42
CA LEU A 154 -3.86 11.91 6.84
C LEU A 154 -3.85 10.78 7.85
N GLN A 155 -4.17 9.54 7.40
CA GLN A 155 -4.01 8.43 8.34
C GLN A 155 -2.51 8.28 8.65
N PHE A 156 -1.65 8.63 7.70
CA PHE A 156 -0.18 8.57 7.95
C PHE A 156 0.27 9.57 9.04
N ARG A 157 -0.59 10.54 9.44
CA ARG A 157 -0.13 11.45 10.56
C ARG A 157 -0.37 10.77 11.89
N LYS A 158 -1.20 9.72 11.93
CA LYS A 158 -1.53 9.08 13.23
C LYS A 158 -0.84 7.74 13.51
N THR A 159 -0.63 6.92 12.48
CA THR A 159 -0.35 5.49 12.73
C THR A 159 1.17 5.23 12.57
N LYS A 160 1.79 4.62 13.57
CA LYS A 160 3.18 4.30 13.50
C LYS A 160 3.35 3.07 12.54
N MET A 161 4.00 3.30 11.39
CA MET A 161 4.07 2.28 10.33
C MET A 161 5.12 2.74 9.34
N THR A 162 5.84 1.81 8.71
CA THR A 162 6.55 2.15 7.49
C THR A 162 5.72 1.54 6.35
N VAL A 163 5.25 2.36 5.39
CA VAL A 163 4.49 1.82 4.22
C VAL A 163 5.49 1.78 3.03
N VAL A 164 5.64 0.61 2.44
CA VAL A 164 6.57 0.42 1.33
C VAL A 164 5.72 0.27 0.10
N SER A 165 5.90 1.15 -0.87
CA SER A 165 5.10 1.04 -2.06
C SER A 165 5.87 1.54 -3.28
N GLY A 166 5.26 1.40 -4.46
CA GLY A 166 5.82 2.03 -5.63
C GLY A 166 5.24 3.46 -5.84
N GLY A 167 5.06 4.22 -4.74
CA GLY A 167 4.46 5.56 -4.82
C GLY A 167 2.95 5.51 -4.91
N ALA A 168 2.30 6.58 -5.44
CA ALA A 168 0.82 6.58 -5.58
C ALA A 168 0.37 5.84 -6.86
N LYS A 169 -0.86 5.33 -6.86
CA LYS A 169 -1.38 4.70 -8.06
C LYS A 169 -1.35 5.64 -9.25
N SER A 170 -1.19 5.06 -10.46
CA SER A 170 -0.95 5.87 -11.68
C SER A 170 -2.06 6.82 -12.04
N ILE A 171 -3.31 6.45 -11.76
CA ILE A 171 -4.43 7.34 -12.08
C ILE A 171 -4.44 8.63 -11.18
N LEU A 172 -3.63 8.64 -10.12
CA LEU A 172 -3.60 9.81 -9.20
C LEU A 172 -2.65 10.93 -9.73
N ASP A 173 -2.63 12.09 -9.01
CA ASP A 173 -1.75 13.20 -9.34
C ASP A 173 -0.52 13.08 -8.45
N HIS A 174 0.57 12.63 -9.03
CA HIS A 174 1.82 12.39 -8.29
C HIS A 174 2.38 13.63 -7.62
N ARG A 175 2.45 14.74 -8.34
N ARG A 175 2.43 14.73 -8.36
CA ARG A 175 3.02 15.95 -7.74
CA ARG A 175 2.99 15.98 -7.82
C ARG A 175 2.14 16.51 -6.59
C ARG A 175 2.14 16.52 -6.63
N LEU A 176 0.82 16.51 -6.76
CA LEU A 176 -0.06 17.01 -5.69
C LEU A 176 -0.02 16.11 -4.46
N THR A 177 0.05 14.79 -4.67
CA THR A 177 0.16 13.84 -3.55
C THR A 177 1.48 14.10 -2.80
N ALA A 178 2.56 14.29 -3.54
CA ALA A 178 3.87 14.62 -2.88
C ALA A 178 3.80 15.97 -2.07
N GLU A 179 3.18 16.99 -2.65
CA GLU A 179 2.99 18.26 -1.93
C GLU A 179 2.15 18.06 -0.66
N TYR A 180 1.08 17.30 -0.78
CA TYR A 180 0.21 17.07 0.37
C TYR A 180 0.94 16.31 1.50
N LEU A 181 1.73 15.28 1.15
CA LEU A 181 2.49 14.55 2.16
C LEU A 181 3.55 15.43 2.84
N GLU A 182 4.22 16.32 2.05
CA GLU A 182 5.12 17.31 2.64
C GLU A 182 4.40 18.22 3.66
N THR A 183 3.23 18.78 3.30
CA THR A 183 2.43 19.60 4.23
C THR A 183 2.07 18.80 5.49
N ALA A 184 1.76 17.49 5.30
CA ALA A 184 1.38 16.62 6.41
C ALA A 184 2.55 16.15 7.28
N GLY A 185 3.78 16.50 6.91
CA GLY A 185 4.99 16.15 7.67
C GLY A 185 5.32 14.62 7.58
N VAL A 186 4.96 13.98 6.46
CA VAL A 186 5.15 12.52 6.37
C VAL A 186 6.49 12.31 5.62
N PRO A 187 7.47 11.68 6.26
CA PRO A 187 8.73 11.44 5.55
C PRO A 187 8.54 10.58 4.28
N VAL A 188 9.21 10.99 3.20
CA VAL A 188 9.10 10.23 1.93
C VAL A 188 10.50 9.91 1.50
N TYR A 189 10.87 8.63 1.62
CA TYR A 189 12.22 8.20 1.20
C TYR A 189 12.17 7.46 -0.14
N GLY A 190 13.20 7.60 -0.95
CA GLY A 190 13.31 6.78 -2.20
C GLY A 190 14.43 5.74 -2.00
N TYR A 191 14.13 4.45 -2.18
CA TYR A 191 15.13 3.40 -2.06
C TYR A 191 16.03 3.42 -3.32
N ARG A 192 17.26 3.91 -3.15
CA ARG A 192 18.24 3.97 -4.22
C ARG A 192 17.81 4.90 -5.32
N THR A 193 17.02 5.90 -4.99
CA THR A 193 16.63 6.87 -5.99
C THR A 193 16.29 8.21 -5.31
N ASP A 194 16.35 9.30 -6.07
CA ASP A 194 15.98 10.57 -5.51
C ASP A 194 14.79 11.20 -6.25
N LYS A 195 14.14 10.39 -7.13
CA LYS A 195 12.83 10.71 -7.75
C LYS A 195 11.71 9.82 -7.22
N LEU A 196 10.52 10.39 -7.07
CA LEU A 196 9.38 9.67 -6.55
C LEU A 196 8.94 8.57 -7.56
N ALA A 197 8.72 7.36 -7.07
CA ALA A 197 8.20 6.25 -7.90
C ALA A 197 6.77 6.58 -8.40
N ALA A 198 6.45 6.21 -9.64
CA ALA A 198 5.13 6.56 -10.14
C ALA A 198 4.29 5.30 -10.54
N PHE A 199 4.23 4.33 -9.60
CA PHE A 199 3.48 3.09 -9.79
C PHE A 199 4.09 2.31 -11.01
N VAL A 200 3.33 2.06 -12.08
CA VAL A 200 3.85 1.27 -13.25
C VAL A 200 4.76 2.12 -14.13
N VAL A 201 4.83 3.41 -13.81
CA VAL A 201 5.76 4.31 -14.44
C VAL A 201 6.94 4.50 -13.48
N ARG A 202 8.15 4.48 -14.04
CA ARG A 202 9.37 4.52 -13.21
C ARG A 202 9.42 5.75 -12.27
N GLU A 203 9.13 6.91 -12.83
CA GLU A 203 9.36 8.18 -12.11
C GLU A 203 8.35 9.22 -12.44
N ALA A 204 8.08 10.05 -11.43
CA ALA A 204 7.52 11.38 -11.56
C ALA A 204 8.64 12.39 -11.29
N ASP A 205 8.51 13.58 -11.87
CA ASP A 205 9.52 14.61 -11.72
C ASP A 205 9.36 15.34 -10.36
N VAL A 206 9.63 14.61 -9.29
CA VAL A 206 9.34 14.99 -7.90
C VAL A 206 10.50 14.43 -7.05
N PRO A 207 11.20 15.28 -6.27
CA PRO A 207 12.35 14.72 -5.55
C PRO A 207 11.91 14.07 -4.24
N VAL A 208 12.66 13.08 -3.76
CA VAL A 208 12.40 12.44 -2.49
C VAL A 208 13.74 12.32 -1.86
N THR A 209 13.82 11.92 -0.60
CA THR A 209 15.14 11.72 0.04
C THR A 209 15.69 10.34 -0.24
N ARG A 210 16.83 10.27 -0.94
CA ARG A 210 17.45 8.99 -1.31
C ARG A 210 17.93 8.24 -0.05
N MET A 211 17.56 6.96 0.09
CA MET A 211 18.22 6.08 1.07
C MET A 211 18.92 4.93 0.26
N ASP A 212 20.24 4.83 0.27
CA ASP A 212 20.88 3.75 -0.53
C ASP A 212 20.93 2.41 0.15
N ASP A 213 20.57 2.41 1.41
CA ASP A 213 20.77 1.26 2.22
C ASP A 213 19.55 1.13 3.15
N LEU A 214 19.01 -0.09 3.32
CA LEU A 214 17.81 -0.25 4.11
C LEU A 214 18.04 -0.14 5.67
N HIS A 215 19.25 -0.45 6.12
CA HIS A 215 19.60 -0.31 7.53
CA HIS A 215 19.68 -0.29 7.52
C HIS A 215 19.66 1.18 7.92
N THR A 216 20.16 2.03 7.01
CA THR A 216 20.11 3.47 7.18
C THR A 216 18.63 3.93 7.17
N ALA A 217 17.84 3.42 6.22
CA ALA A 217 16.42 3.80 6.18
C ALA A 217 15.71 3.43 7.50
N ALA A 218 16.04 2.24 8.02
CA ALA A 218 15.42 1.74 9.26
C ALA A 218 15.83 2.61 10.48
N ARG A 219 17.11 2.95 10.58
CA ARG A 219 17.58 3.85 11.63
C ARG A 219 16.92 5.27 11.51
N ALA A 220 16.73 5.79 10.27
CA ALA A 220 15.98 7.03 10.05
C ALA A 220 14.52 6.91 10.52
N ALA A 221 13.84 5.80 10.16
CA ALA A 221 12.45 5.61 10.59
C ALA A 221 12.34 5.56 12.10
N GLU A 222 13.24 4.79 12.73
CA GLU A 222 13.20 4.66 14.19
C GLU A 222 13.41 6.03 14.91
N ALA A 223 14.37 6.81 14.44
CA ALA A 223 14.57 8.16 15.01
C ALA A 223 13.39 9.07 14.71
N HIS A 224 12.75 8.91 13.54
CA HIS A 224 11.53 9.65 13.26
C HIS A 224 10.44 9.39 14.32
N TRP A 225 10.20 8.11 14.62
CA TRP A 225 9.19 7.76 15.67
C TRP A 225 9.59 8.25 17.04
N GLN A 226 10.89 8.19 17.36
CA GLN A 226 11.35 8.59 18.66
C GLN A 226 11.18 10.15 18.86
N VAL A 227 11.28 10.91 17.79
CA VAL A 227 11.25 12.38 17.88
C VAL A 227 9.82 12.93 17.60
N ASN A 228 9.17 12.43 16.55
CA ASN A 228 7.91 12.97 16.07
C ASN A 228 6.70 12.18 16.55
N GLY A 229 6.94 11.02 17.14
CA GLY A 229 5.86 10.25 17.71
C GLY A 229 5.29 9.31 16.64
N PRO A 230 4.16 8.66 16.93
CA PRO A 230 3.51 7.71 16.02
C PRO A 230 3.15 8.40 14.74
N GLY A 231 3.57 7.83 13.64
CA GLY A 231 3.26 8.42 12.34
C GLY A 231 3.91 7.52 11.26
N THR A 232 3.49 7.66 10.02
CA THR A 232 3.95 6.71 8.99
C THR A 232 5.17 7.29 8.27
N VAL A 233 6.10 6.39 7.89
CA VAL A 233 7.26 6.75 7.07
C VAL A 233 6.95 6.08 5.70
N LEU A 234 7.00 6.83 4.61
CA LEU A 234 6.72 6.22 3.29
CA LEU A 234 6.75 6.24 3.27
C LEU A 234 8.08 5.89 2.61
N LEU A 235 8.32 4.62 2.37
CA LEU A 235 9.58 4.20 1.66
C LEU A 235 9.13 3.82 0.26
N THR A 236 9.48 4.63 -0.75
CA THR A 236 9.07 4.33 -2.12
C THR A 236 10.19 3.60 -2.86
N SER A 237 9.79 2.60 -3.65
CA SER A 237 10.76 1.76 -4.39
C SER A 237 10.14 1.62 -5.78
N PRO A 238 10.82 2.19 -6.82
CA PRO A 238 10.23 2.20 -8.17
C PRO A 238 10.16 0.80 -8.84
N ILE A 239 9.33 0.69 -9.88
CA ILE A 239 9.15 -0.53 -10.59
C ILE A 239 10.44 -0.80 -11.40
N ASP A 240 10.88 -2.07 -11.46
CA ASP A 240 12.04 -2.46 -12.37
CA ASP A 240 12.04 -2.46 -12.33
C ASP A 240 11.98 -1.73 -13.70
N GLU A 241 13.10 -1.17 -14.12
CA GLU A 241 13.11 -0.51 -15.44
C GLU A 241 12.64 -1.41 -16.63
N GLN A 242 12.97 -2.70 -16.62
CA GLN A 242 12.48 -3.63 -17.73
C GLN A 242 10.96 -3.74 -17.80
N ASP A 243 10.29 -3.46 -16.67
CA ASP A 243 8.86 -3.69 -16.54
C ASP A 243 7.99 -2.41 -16.60
N ALA A 244 8.63 -1.26 -16.64
CA ALA A 244 7.89 0.01 -16.61
C ALA A 244 7.00 0.18 -17.87
N VAL A 245 5.89 0.91 -17.68
CA VAL A 245 5.11 1.43 -18.81
C VAL A 245 5.60 2.84 -19.12
N ASP A 246 5.58 3.18 -20.41
CA ASP A 246 6.04 4.48 -20.90
C ASP A 246 5.18 5.61 -20.31
N GLU A 247 5.83 6.58 -19.65
CA GLU A 247 5.10 7.70 -19.11
C GLU A 247 4.12 8.30 -20.12
N ALA A 248 4.59 8.52 -21.37
CA ALA A 248 3.76 9.09 -22.45
C ALA A 248 2.48 8.26 -22.66
N ILE A 249 2.61 6.94 -22.60
CA ILE A 249 1.45 6.05 -22.86
C ILE A 249 0.42 6.25 -21.73
N VAL A 250 0.87 6.08 -20.52
CA VAL A 250 0.04 6.38 -19.34
C VAL A 250 -0.67 7.77 -19.40
N GLU A 251 0.10 8.83 -19.61
CA GLU A 251 -0.47 10.19 -19.57
C GLU A 251 -1.46 10.47 -20.70
N ALA A 252 -1.05 10.21 -21.95
CA ALA A 252 -1.98 10.33 -23.08
C ALA A 252 -3.31 9.57 -22.84
N ALA A 253 -3.22 8.30 -22.40
CA ALA A 253 -4.42 7.47 -22.08
C ALA A 253 -5.28 8.14 -21.00
N ILE A 254 -4.62 8.66 -19.97
CA ILE A 254 -5.35 9.32 -18.90
C ILE A 254 -5.99 10.66 -19.33
N ALA A 255 -5.23 11.47 -20.08
CA ALA A 255 -5.71 12.80 -20.53
C ALA A 255 -6.90 12.65 -21.47
N GLU A 256 -6.86 11.60 -22.30
CA GLU A 256 -7.97 11.26 -23.20
C GLU A 256 -9.15 10.73 -22.41
N ALA A 257 -8.88 9.86 -21.42
CA ALA A 257 -9.99 9.34 -20.64
C ALA A 257 -10.67 10.52 -19.93
N LEU A 258 -9.90 11.49 -19.46
CA LEU A 258 -10.47 12.71 -18.85
C LEU A 258 -11.19 13.58 -19.88
N ALA A 259 -10.67 13.59 -21.11
CA ALA A 259 -11.24 14.37 -22.23
C ALA A 259 -12.65 13.89 -22.56
N GLN A 260 -12.85 12.58 -22.47
CA GLN A 260 -14.15 11.98 -22.68
C GLN A 260 -15.08 12.21 -21.50
N CYS A 261 -14.50 12.41 -20.33
CA CYS A 261 -15.30 12.66 -19.14
C CYS A 261 -15.99 14.01 -19.18
N ASP A 262 -15.25 15.05 -19.59
CA ASP A 262 -15.80 16.41 -19.75
C ASP A 262 -16.92 16.49 -20.81
N GLN A 263 -16.69 15.92 -22.00
CA GLN A 263 -17.70 15.88 -23.05
C GLN A 263 -18.94 14.98 -22.76
N GLU A 264 -18.78 13.92 -21.95
CA GLU A 264 -19.92 13.09 -21.51
C GLU A 264 -20.42 13.53 -20.10
N GLY A 265 -19.89 14.66 -19.62
CA GLY A 265 -20.19 15.21 -18.30
C GLY A 265 -20.27 14.19 -17.18
N ILE A 266 -19.15 13.53 -16.87
CA ILE A 266 -19.06 12.70 -15.66
C ILE A 266 -17.99 13.26 -14.72
N VAL A 267 -18.39 13.56 -13.48
CA VAL A 267 -17.43 13.83 -12.38
C VAL A 267 -17.76 12.84 -11.23
N GLY A 268 -17.38 13.20 -10.00
CA GLY A 268 -17.65 12.36 -8.83
C GLY A 268 -16.93 11.02 -8.87
N ASN A 269 -17.35 10.11 -7.99
CA ASN A 269 -16.80 8.75 -7.91
C ASN A 269 -16.97 7.94 -9.19
N ALA A 270 -17.66 8.50 -10.16
CA ALA A 270 -17.80 7.87 -11.47
C ALA A 270 -16.48 7.96 -12.24
N VAL A 271 -15.82 9.14 -12.22
CA VAL A 271 -14.57 9.39 -12.99
C VAL A 271 -13.46 8.36 -12.74
N SER A 272 -13.25 8.01 -11.49
CA SER A 272 -12.08 7.25 -11.14
C SER A 272 -12.02 5.84 -11.77
N PRO A 273 -13.14 5.07 -11.74
CA PRO A 273 -13.12 3.75 -12.40
C PRO A 273 -13.04 3.79 -13.93
N TYR A 274 -13.42 4.90 -14.56
CA TYR A 274 -13.12 5.06 -15.99
C TYR A 274 -11.61 5.16 -16.25
N LEU A 275 -10.89 5.86 -15.36
CA LEU A 275 -9.47 6.07 -15.56
C LEU A 275 -8.77 4.75 -15.44
N MET A 276 -9.26 3.92 -14.54
CA MET A 276 -8.70 2.61 -14.31
C MET A 276 -8.83 1.68 -15.53
N LYS A 277 -9.97 1.76 -16.22
CA LYS A 277 -10.24 0.88 -17.40
C LYS A 277 -9.46 1.38 -18.62
N ALA A 278 -9.40 2.71 -18.80
CA ALA A 278 -8.61 3.35 -19.87
C ALA A 278 -7.12 2.97 -19.78
N LEU A 279 -6.65 2.70 -18.55
CA LEU A 279 -5.28 2.34 -18.31
C LEU A 279 -5.01 0.92 -18.79
N ALA A 280 -5.87 -0.02 -18.39
CA ALA A 280 -5.83 -1.41 -18.93
C ALA A 280 -5.77 -1.42 -20.44
N ARG A 281 -6.51 -0.53 -21.06
CA ARG A 281 -6.62 -0.58 -22.49
C ARG A 281 -5.36 -0.10 -23.19
N ALA A 282 -4.77 0.99 -22.72
CA ALA A 282 -3.60 1.55 -23.40
C ALA A 282 -2.35 0.65 -23.28
N SER A 283 -2.37 -0.29 -22.32
CA SER A 283 -1.16 -1.02 -21.87
C SER A 283 -0.92 -2.33 -22.62
N GLY A 284 -1.47 -2.45 -23.84
CA GLY A 284 -1.67 -3.78 -24.43
C GLY A 284 -2.49 -4.52 -23.40
N GLY A 285 -2.02 -5.68 -22.97
CA GLY A 285 -2.61 -6.32 -21.81
C GLY A 285 -1.57 -6.43 -20.74
N MET A 286 -0.63 -5.46 -20.71
CA MET A 286 0.53 -5.56 -19.82
C MET A 286 0.30 -4.95 -18.45
N LEU A 287 -0.72 -4.11 -18.30
CA LEU A 287 -0.98 -3.45 -16.99
C LEU A 287 -0.90 -4.40 -15.76
N PRO A 288 -1.73 -5.49 -15.73
CA PRO A 288 -1.61 -6.59 -14.72
C PRO A 288 -0.18 -7.18 -14.53
N LYS A 289 0.50 -7.45 -15.64
CA LYS A 289 1.88 -7.90 -15.59
C LYS A 289 2.83 -6.87 -14.92
N ALA A 290 2.76 -5.59 -15.34
CA ALA A 290 3.55 -4.55 -14.68
C ALA A 290 3.18 -4.35 -13.20
N GLY A 291 1.89 -4.43 -12.86
CA GLY A 291 1.46 -4.21 -11.46
C GLY A 291 1.96 -5.38 -10.60
N ARG A 292 1.94 -6.57 -11.16
CA ARG A 292 2.45 -7.72 -10.43
C ARG A 292 3.95 -7.65 -10.20
N SER A 293 4.72 -7.30 -11.21
CA SER A 293 6.15 -7.09 -11.00
C SER A 293 6.42 -6.03 -9.87
N LEU A 294 5.68 -4.91 -9.90
CA LEU A 294 5.89 -3.88 -8.90
C LEU A 294 5.50 -4.44 -7.55
N LEU A 295 4.38 -5.13 -7.50
CA LEU A 295 3.96 -5.77 -6.23
C LEU A 295 5.07 -6.70 -5.65
N LEU A 296 5.69 -7.54 -6.51
CA LEU A 296 6.70 -8.50 -6.04
C LEU A 296 8.00 -7.82 -5.58
N SER A 297 8.47 -6.82 -6.31
CA SER A 297 9.72 -6.19 -5.94
C SER A 297 9.52 -5.30 -4.71
N THR A 298 8.32 -4.68 -4.54
CA THR A 298 8.09 -3.86 -3.41
CA THR A 298 8.08 -3.86 -3.34
C THR A 298 8.01 -4.75 -2.13
N ALA A 299 7.37 -5.91 -2.27
CA ALA A 299 7.22 -6.87 -1.15
C ALA A 299 8.60 -7.37 -0.68
N ARG A 300 9.51 -7.64 -1.61
CA ARG A 300 10.90 -8.02 -1.28
C ARG A 300 11.61 -6.93 -0.48
N VAL A 301 11.59 -5.70 -0.99
CA VAL A 301 12.13 -4.56 -0.26
C VAL A 301 11.48 -4.43 1.15
N ALA A 302 10.15 -4.53 1.25
CA ALA A 302 9.43 -4.52 2.55
C ALA A 302 9.95 -5.63 3.53
N GLY A 303 10.12 -6.83 3.02
CA GLY A 303 10.67 -7.93 3.85
C GLY A 303 12.09 -7.62 4.31
N GLU A 304 12.94 -7.12 3.40
CA GLU A 304 14.31 -6.78 3.77
C GLU A 304 14.28 -5.56 4.75
N PHE A 305 13.41 -4.61 4.50
CA PHE A 305 13.37 -3.45 5.39
C PHE A 305 12.94 -3.88 6.82
N SER A 306 11.90 -4.72 6.87
CA SER A 306 11.40 -5.17 8.13
C SER A 306 12.53 -5.96 8.90
N ALA A 307 13.31 -6.82 8.22
CA ALA A 307 14.46 -7.45 8.85
C ALA A 307 15.44 -6.40 9.40
N ALA A 308 15.79 -5.41 8.58
CA ALA A 308 16.76 -4.43 8.97
C ALA A 308 16.20 -3.61 10.21
N LEU A 309 14.87 -3.38 10.26
CA LEU A 309 14.29 -2.62 11.41
C LEU A 309 14.31 -3.47 12.68
N SER A 310 13.97 -4.77 12.59
CA SER A 310 14.08 -5.62 13.77
C SER A 310 15.49 -5.58 14.29
N ALA A 311 16.48 -5.65 13.42
CA ALA A 311 17.90 -5.63 13.92
C ALA A 311 18.24 -4.24 14.55
N VAL A 312 17.79 -3.15 13.94
CA VAL A 312 18.02 -1.80 14.51
C VAL A 312 17.39 -1.70 15.91
N GLN A 313 16.12 -2.10 16.03
CA GLN A 313 15.41 -2.03 17.34
C GLN A 313 15.97 -3.00 18.37
N ALA A 314 16.71 -4.00 17.91
CA ALA A 314 17.36 -4.92 18.80
C ALA A 314 18.56 -4.27 19.56
N GLU A 315 19.18 -3.23 18.97
CA GLU A 315 20.23 -2.43 19.68
C GLU A 315 19.56 -1.25 20.40
CA CA B . -8.87 26.15 -8.56
CA CA C . 5.95 22.17 -0.80
S SO4 D . -4.05 15.71 13.15
O1 SO4 D . -3.25 16.96 13.06
O2 SO4 D . -5.49 16.02 13.01
O3 SO4 D . -3.63 14.78 12.08
O4 SO4 D . -3.80 15.05 14.49
CL CL E . 8.05 17.94 -2.98
C1 PEG F . -13.27 -15.04 12.02
O1 PEG F . -13.80 -14.59 13.25
C2 PEG F . -11.76 -15.17 12.18
O2 PEG F . -11.42 -16.30 12.99
C3 PEG F . -10.00 -16.53 13.03
C4 PEG F . -9.62 -17.18 14.37
O4 PEG F . -9.08 -18.49 14.15
C1 PEG G . -6.81 3.33 19.41
O1 PEG G . -7.13 3.45 20.83
C2 PEG G . -5.51 4.04 18.96
O2 PEG G . -4.35 3.21 19.28
C3 PEG G . -3.07 3.58 18.72
C4 PEG G . -1.88 3.02 19.56
O4 PEG G . -1.79 1.58 19.59
#